data_6KSQ
#
_entry.id   6KSQ
#
_cell.length_a   36.072
_cell.length_b   38.968
_cell.length_c   108.029
_cell.angle_alpha   90.000
_cell.angle_beta   95.310
_cell.angle_gamma   90.000
#
_symmetry.space_group_name_H-M   'P 1 21 1'
#
loop_
_entity.id
_entity.type
_entity.pdbx_description
1 polymer 'Heat shock protein HSP 90-alpha'
2 water water
#
_entity_poly.entity_id   1
_entity_poly.type   'polypeptide(L)'
_entity_poly.pdbx_seq_one_letter_code
;MHHHHHHSSGVDLGTENLYFQSNATKPIWTRNPDDITNEEYGEFYKSLTNDWEDHLAVKHFSVEGQLEFRALLFVPRRAP
FDLFENRKKKNNIKLYVRRVFIMDNCEELIPEYLNFIRGVVDSEDLPLNISREMLQQSKILKVIRKNLVKKCLELFTELA
EDKENYKKFYEQFSKNIKLGIHEDSQNRKKLSELLRYYTSASGDEMVSLKDYCTRMKENQKHIYYITGETKDQVANSAFV
ERLRKHGLEVIYMIEPIDEYCVQQLKEFEGKTLVSVTKEGLELPED
;
_entity_poly.pdbx_strand_id   A
#
# COMPACT_ATOMS: atom_id res chain seq x y z
N LYS A 26 -1.55 0.96 31.46
CA LYS A 26 -0.71 1.53 30.40
C LYS A 26 -1.42 1.44 29.04
N PRO A 27 -1.31 2.50 28.24
CA PRO A 27 -1.89 2.46 26.88
C PRO A 27 -1.27 1.32 26.10
N ILE A 28 -2.12 0.65 25.32
CA ILE A 28 -1.69 -0.55 24.59
C ILE A 28 -0.51 -0.26 23.66
N TRP A 29 -0.43 0.95 23.09
CA TRP A 29 0.68 1.22 22.17
C TRP A 29 2.02 1.37 22.88
N THR A 30 2.04 1.55 24.20
CA THR A 30 3.29 1.60 24.93
C THR A 30 3.74 0.23 25.40
N ARG A 31 2.89 -0.79 25.25
CA ARG A 31 3.24 -2.14 25.64
CA ARG A 31 3.24 -2.13 25.65
C ARG A 31 4.12 -2.78 24.58
N ASN A 32 4.76 -3.85 24.97
CA ASN A 32 5.63 -4.60 24.07
C ASN A 32 4.77 -5.42 23.13
N PRO A 33 4.99 -5.31 21.80
CA PRO A 33 4.13 -6.03 20.84
C PRO A 33 4.08 -7.54 21.06
N ASP A 34 5.17 -8.13 21.57
CA ASP A 34 5.25 -9.57 21.80
C ASP A 34 4.21 -10.07 22.80
N ASP A 35 3.69 -9.19 23.65
CA ASP A 35 2.81 -9.57 24.76
C ASP A 35 1.35 -9.18 24.53
N ILE A 36 0.97 -8.77 23.32
CA ILE A 36 -0.37 -8.26 23.05
C ILE A 36 -1.07 -9.26 22.13
N THR A 37 -2.24 -9.73 22.55
CA THR A 37 -2.94 -10.66 21.67
C THR A 37 -3.60 -9.91 20.53
N ASN A 38 -3.96 -10.65 19.48
CA ASN A 38 -4.69 -10.00 18.41
C ASN A 38 -6.09 -9.59 18.82
N GLU A 39 -6.67 -10.23 19.86
CA GLU A 39 -7.97 -9.77 20.36
C GLU A 39 -7.84 -8.45 21.14
N GLU A 40 -6.71 -8.19 21.80
CA GLU A 40 -6.49 -6.89 22.43
C GLU A 40 -6.33 -5.79 21.39
N TYR A 41 -5.56 -6.06 20.32
CA TYR A 41 -5.48 -5.13 19.20
C TYR A 41 -6.86 -4.84 18.62
N GLY A 42 -7.64 -5.89 18.36
CA GLY A 42 -8.97 -5.68 17.77
C GLY A 42 -9.84 -4.79 18.63
N GLU A 43 -9.83 -5.01 19.95
CA GLU A 43 -10.62 -4.19 20.85
C GLU A 43 -10.18 -2.74 20.78
N PHE A 44 -8.87 -2.50 20.89
CA PHE A 44 -8.39 -1.14 20.71
C PHE A 44 -8.76 -0.61 19.32
N TYR A 45 -8.57 -1.42 18.27
CA TYR A 45 -8.86 -0.90 16.93
C TYR A 45 -10.31 -0.45 16.83
N LYS A 46 -11.23 -1.17 17.48
CA LYS A 46 -12.65 -0.89 17.32
C LYS A 46 -13.05 0.35 18.11
N SER A 47 -12.46 0.57 19.28
CA SER A 47 -12.76 1.80 20.00
C SER A 47 -12.18 3.02 19.30
N LEU A 48 -11.06 2.84 18.62
CA LEU A 48 -10.39 3.95 17.95
C LEU A 48 -11.12 4.40 16.69
N THR A 49 -11.73 3.47 15.93
CA THR A 49 -12.29 3.77 14.61
C THR A 49 -13.81 3.67 14.56
N ASN A 50 -14.46 3.15 15.62
CA ASN A 50 -15.88 2.78 15.60
C ASN A 50 -16.21 1.81 14.48
N ASP A 51 -15.25 0.97 14.10
CA ASP A 51 -15.54 -0.13 13.20
C ASP A 51 -16.30 -1.24 13.93
N TRP A 52 -17.18 -1.91 13.22
CA TRP A 52 -17.85 -3.06 13.82
C TRP A 52 -17.09 -4.35 13.59
N GLU A 53 -16.10 -4.33 12.72
CA GLU A 53 -15.20 -5.43 12.46
C GLU A 53 -13.81 -5.09 12.99
N ASP A 54 -13.02 -6.12 13.25
CA ASP A 54 -11.66 -5.86 13.70
C ASP A 54 -10.75 -5.63 12.49
N HIS A 55 -9.49 -5.34 12.76
CA HIS A 55 -8.54 -4.96 11.74
C HIS A 55 -8.24 -6.14 10.81
N LEU A 56 -7.90 -5.82 9.56
CA LEU A 56 -7.31 -6.84 8.70
C LEU A 56 -5.86 -7.15 9.07
N ALA A 57 -5.11 -6.14 9.53
CA ALA A 57 -3.68 -6.28 9.78
C ALA A 57 -3.27 -5.19 10.73
N VAL A 58 -2.17 -5.43 11.47
CA VAL A 58 -1.65 -4.50 12.45
C VAL A 58 -0.12 -4.48 12.34
N LYS A 59 0.47 -3.31 12.56
CA LYS A 59 1.93 -3.16 12.61
C LYS A 59 2.23 -2.26 13.78
N HIS A 60 2.96 -2.79 14.76
CA HIS A 60 3.24 -2.10 16.03
C HIS A 60 4.75 -2.05 16.17
N PHE A 61 5.31 -0.86 16.29
CA PHE A 61 6.77 -0.79 16.31
C PHE A 61 7.19 0.50 17.00
N SER A 62 8.47 0.58 17.32
CA SER A 62 9.05 1.80 17.90
C SER A 62 10.40 2.11 17.25
N VAL A 63 10.78 3.39 17.26
CA VAL A 63 12.14 3.82 16.96
C VAL A 63 12.67 4.52 18.19
N GLU A 64 13.95 4.30 18.50
CA GLU A 64 14.59 4.85 19.70
C GLU A 64 15.91 5.50 19.33
N GLY A 65 16.48 6.24 20.29
CA GLY A 65 17.73 6.93 20.08
C GLY A 65 17.53 8.42 19.82
N GLN A 66 18.19 8.94 18.80
CA GLN A 66 18.09 10.38 18.50
C GLN A 66 16.67 10.76 18.09
N LEU A 67 15.94 9.84 17.48
CA LEU A 67 14.52 9.97 17.27
C LEU A 67 13.82 8.90 18.12
N GLU A 68 12.74 9.26 18.80
CA GLU A 68 12.10 8.33 19.72
C GLU A 68 10.58 8.43 19.58
N PHE A 69 9.94 7.33 19.20
CA PHE A 69 8.49 7.34 19.07
C PHE A 69 8.01 5.91 18.93
N ARG A 70 6.72 5.73 19.15
CA ARG A 70 6.06 4.44 19.04
C ARG A 70 4.87 4.61 18.11
N ALA A 71 4.56 3.58 17.35
CA ALA A 71 3.44 3.69 16.43
C ALA A 71 2.70 2.37 16.42
N LEU A 72 1.38 2.46 16.27
CA LEU A 72 0.47 1.31 16.31
C LEU A 72 -0.50 1.55 15.18
N LEU A 73 -0.30 0.86 14.05
CA LEU A 73 -1.01 1.13 12.80
C LEU A 73 -1.86 -0.06 12.40
N PHE A 74 -3.01 0.21 11.78
CA PHE A 74 -3.99 -0.80 11.44
C PHE A 74 -4.44 -0.64 9.99
N VAL A 75 -4.67 -1.75 9.31
CA VAL A 75 -5.34 -1.75 8.01
C VAL A 75 -6.80 -2.13 8.23
N PRO A 76 -7.76 -1.33 7.78
CA PRO A 76 -9.17 -1.75 7.88
C PRO A 76 -9.51 -2.84 6.89
N ARG A 77 -10.59 -3.56 7.18
CA ARG A 77 -11.01 -4.63 6.27
C ARG A 77 -11.71 -4.09 5.02
N ARG A 78 -12.17 -2.85 5.03
CA ARG A 78 -12.84 -2.24 3.88
C ARG A 78 -12.26 -0.87 3.58
N ALA A 79 -12.15 -0.56 2.28
CA ALA A 79 -11.71 0.77 1.87
C ALA A 79 -12.63 1.82 2.48
N PRO A 80 -12.09 2.86 3.13
CA PRO A 80 -12.97 3.82 3.81
C PRO A 80 -13.77 4.69 2.86
N PHE A 81 -13.37 4.78 1.58
CA PHE A 81 -14.03 5.62 0.59
C PHE A 81 -13.38 5.27 -0.74
N ASP A 82 -14.04 5.66 -1.84
CA ASP A 82 -13.42 5.50 -3.16
C ASP A 82 -12.33 6.55 -3.35
N LEU A 83 -11.09 6.09 -3.48
CA LEU A 83 -9.93 6.99 -3.40
C LEU A 83 -9.92 8.00 -4.55
N PHE A 84 -10.20 7.55 -5.77
CA PHE A 84 -10.01 8.40 -6.93
C PHE A 84 -11.09 9.46 -7.07
N GLU A 85 -12.29 9.21 -6.55
CA GLU A 85 -13.32 10.23 -6.48
C GLU A 85 -13.22 11.09 -5.22
N ASN A 86 -12.27 10.79 -4.35
CA ASN A 86 -12.13 11.50 -3.08
C ASN A 86 -10.65 11.82 -2.84
N ARG A 87 -10.05 12.58 -3.76
CA ARG A 87 -8.62 12.84 -3.67
C ARG A 87 -8.30 13.89 -2.59
N LYS A 88 -7.09 13.80 -2.04
CA LYS A 88 -6.57 14.67 -0.97
C LYS A 88 -7.37 14.51 0.36
N LYS A 89 -7.98 13.35 0.61
CA LYS A 89 -8.54 13.11 1.94
C LYS A 89 -7.40 13.06 2.97
N LYS A 90 -7.61 13.67 4.13
CA LYS A 90 -6.61 13.59 5.19
C LYS A 90 -6.66 12.24 5.89
N ASN A 91 -5.49 11.75 6.29
CA ASN A 91 -5.43 10.56 7.14
C ASN A 91 -6.03 10.86 8.52
N ASN A 92 -6.41 9.81 9.24
CA ASN A 92 -6.99 9.95 10.58
C ASN A 92 -6.11 9.39 11.71
N ILE A 93 -4.80 9.29 11.50
CA ILE A 93 -3.95 8.77 12.56
C ILE A 93 -3.95 9.78 13.71
N LYS A 94 -4.04 9.27 14.94
CA LYS A 94 -4.00 10.14 16.11
C LYS A 94 -2.54 10.36 16.53
N LEU A 95 -2.17 11.62 16.69
CA LEU A 95 -0.81 12.01 17.07
C LEU A 95 -0.76 12.36 18.55
N TYR A 96 0.11 11.72 19.29
CA TYR A 96 0.30 11.99 20.70
C TYR A 96 1.71 12.51 20.91
N VAL A 97 1.90 13.33 21.94
CA VAL A 97 3.23 13.62 22.46
C VAL A 97 3.29 13.18 23.91
N ARG A 98 4.27 12.31 24.21
CA ARG A 98 4.43 11.73 25.55
C ARG A 98 3.07 11.40 26.18
N ARG A 99 2.26 10.64 25.44
CA ARG A 99 0.99 10.09 25.88
C ARG A 99 -0.12 11.14 26.02
N VAL A 100 0.09 12.35 25.49
CA VAL A 100 -0.92 13.40 25.53
C VAL A 100 -1.41 13.63 24.10
N PHE A 101 -2.71 13.47 23.90
CA PHE A 101 -3.26 13.61 22.55
C PHE A 101 -3.06 15.04 22.02
N ILE A 102 -2.58 15.16 20.78
CA ILE A 102 -2.35 16.46 20.13
C ILE A 102 -3.38 16.73 19.02
N MET A 103 -3.54 15.81 18.07
CA MET A 103 -4.45 16.06 16.95
C MET A 103 -4.60 14.80 16.13
N ASP A 104 -5.62 14.81 15.24
CA ASP A 104 -5.95 13.59 14.50
C ASP A 104 -6.26 13.85 13.03
N ASN A 105 -5.69 14.90 12.46
CA ASN A 105 -5.81 15.17 11.04
C ASN A 105 -4.52 15.83 10.56
N CYS A 106 -3.38 15.23 10.87
CA CYS A 106 -2.07 15.81 10.52
C CYS A 106 -1.70 15.31 9.13
N GLU A 107 -1.87 16.16 8.13
CA GLU A 107 -1.77 15.72 6.74
C GLU A 107 -0.42 15.10 6.42
N GLU A 108 0.66 15.73 6.88
CA GLU A 108 2.03 15.37 6.50
C GLU A 108 2.59 14.21 7.33
N LEU A 109 1.77 13.57 8.17
CA LEU A 109 2.24 12.42 8.93
C LEU A 109 2.41 11.20 8.04
N ILE A 110 1.66 11.12 6.95
CA ILE A 110 1.71 9.95 6.06
C ILE A 110 1.21 10.43 4.70
N PRO A 111 1.75 9.92 3.58
CA PRO A 111 1.30 10.41 2.27
C PRO A 111 -0.09 9.90 1.93
N GLU A 112 -0.70 10.58 0.96
CA GLU A 112 -2.13 10.40 0.69
C GLU A 112 -2.48 8.96 0.34
N TYR A 113 -1.60 8.30 -0.41
CA TYR A 113 -1.96 6.95 -0.87
C TYR A 113 -2.06 5.97 0.27
N LEU A 114 -1.54 6.30 1.45
CA LEU A 114 -1.70 5.50 2.66
C LEU A 114 -2.73 6.08 3.62
N ASN A 115 -3.64 6.96 3.15
CA ASN A 115 -4.52 7.65 4.08
C ASN A 115 -5.58 6.75 4.70
N PHE A 116 -5.65 5.46 4.34
CA PHE A 116 -6.58 4.51 4.97
C PHE A 116 -6.05 3.93 6.27
N ILE A 117 -4.75 4.08 6.52
CA ILE A 117 -4.14 3.55 7.73
C ILE A 117 -4.73 4.23 8.95
N ARG A 118 -5.17 3.45 9.92
CA ARG A 118 -5.71 3.98 11.16
C ARG A 118 -4.71 3.74 12.28
N GLY A 119 -4.79 4.54 13.34
CA GLY A 119 -4.01 4.18 14.50
C GLY A 119 -3.43 5.35 15.25
N VAL A 120 -2.29 5.13 15.91
CA VAL A 120 -1.75 6.03 16.90
C VAL A 120 -0.26 6.18 16.67
N VAL A 121 0.22 7.43 16.71
CA VAL A 121 1.65 7.71 16.74
C VAL A 121 1.91 8.55 17.97
N ASP A 122 2.88 8.13 18.79
CA ASP A 122 3.17 8.76 20.09
C ASP A 122 4.64 9.19 20.07
N SER A 123 4.89 10.49 19.95
CA SER A 123 6.26 11.00 19.81
C SER A 123 6.81 11.46 21.16
N GLU A 124 8.06 11.13 21.42
CA GLU A 124 8.67 11.58 22.67
C GLU A 124 9.35 12.95 22.55
N ASP A 125 9.81 13.34 21.35
CA ASP A 125 10.66 14.51 21.14
C ASP A 125 9.90 15.74 20.65
N LEU A 126 8.71 15.55 20.07
CA LEU A 126 7.96 16.70 19.58
C LEU A 126 7.64 17.67 20.73
N PRO A 127 7.48 18.95 20.43
CA PRO A 127 6.99 19.90 21.45
C PRO A 127 5.54 19.60 21.80
N LEU A 128 5.24 19.59 23.10
CA LEU A 128 3.88 19.33 23.52
C LEU A 128 2.95 20.43 23.01
N ASN A 129 3.40 21.69 23.07
CA ASN A 129 2.61 22.84 22.65
C ASN A 129 2.76 23.15 21.14
N ILE A 130 3.22 22.21 20.32
CA ILE A 130 3.48 22.53 18.92
C ILE A 130 2.19 22.89 18.20
N SER A 131 2.23 23.97 17.43
CA SER A 131 1.10 24.34 16.59
C SER A 131 1.07 23.49 15.32
N ARG A 132 -0.06 23.54 14.62
CA ARG A 132 -0.14 22.80 13.37
C ARG A 132 0.81 23.37 12.32
N GLU A 133 1.06 24.69 12.32
CA GLU A 133 1.94 25.29 11.33
C GLU A 133 3.39 24.92 11.56
N MET A 134 3.83 24.81 12.82
CA MET A 134 5.17 24.29 13.10
C MET A 134 5.25 22.80 12.79
N LEU A 135 4.18 22.06 13.09
CA LEU A 135 4.12 20.65 12.71
C LEU A 135 4.37 20.48 11.22
N GLN A 136 3.79 21.37 10.40
CA GLN A 136 3.97 21.30 8.97
C GLN A 136 5.44 21.47 8.57
N GLN A 137 6.20 22.26 9.31
CA GLN A 137 7.60 22.51 8.98
C GLN A 137 8.55 21.55 9.69
N SER A 138 8.05 20.67 10.53
CA SER A 138 8.87 19.96 11.50
C SER A 138 9.72 18.88 10.84
N LYS A 139 11.02 18.90 11.15
CA LYS A 139 11.90 17.87 10.63
C LYS A 139 11.68 16.55 11.35
N ILE A 140 11.23 16.59 12.61
CA ILE A 140 10.90 15.36 13.33
C ILE A 140 9.71 14.68 12.66
N LEU A 141 8.70 15.45 12.28
CA LEU A 141 7.54 14.87 11.61
C LEU A 141 7.91 14.22 10.29
N LYS A 142 8.85 14.81 9.54
CA LYS A 142 9.26 14.20 8.28
C LYS A 142 9.96 12.85 8.51
N VAL A 143 10.89 12.77 9.49
CA VAL A 143 11.52 11.48 9.74
C VAL A 143 10.50 10.49 10.33
N ILE A 144 9.53 10.93 11.13
CA ILE A 144 8.49 9.99 11.56
C ILE A 144 7.73 9.44 10.34
N ARG A 145 7.33 10.34 9.43
CA ARG A 145 6.54 9.92 8.26
C ARG A 145 7.26 8.85 7.45
N LYS A 146 8.56 9.05 7.17
CA LYS A 146 9.35 8.08 6.43
C LYS A 146 9.38 6.72 7.13
N ASN A 147 9.36 6.73 8.45
CA ASN A 147 9.37 5.45 9.16
C ASN A 147 8.02 4.75 9.05
N LEU A 148 6.93 5.53 9.06
CA LEU A 148 5.58 4.98 8.88
C LEU A 148 5.46 4.30 7.53
N VAL A 149 5.94 4.96 6.47
CA VAL A 149 5.86 4.39 5.12
C VAL A 149 6.66 3.08 5.06
N LYS A 150 7.93 3.13 5.49
CA LYS A 150 8.75 1.93 5.49
C LYS A 150 8.08 0.77 6.21
N LYS A 151 7.47 1.04 7.38
CA LYS A 151 6.83 -0.05 8.14
C LYS A 151 5.49 -0.47 7.53
N CYS A 152 4.75 0.46 6.91
CA CYS A 152 3.55 0.04 6.19
C CYS A 152 3.89 -0.87 5.01
N LEU A 153 4.87 -0.48 4.20
CA LEU A 153 5.28 -1.30 3.07
C LEU A 153 5.77 -2.66 3.56
N GLU A 154 6.49 -2.65 4.69
CA GLU A 154 6.95 -3.89 5.31
C GLU A 154 5.76 -4.75 5.74
N LEU A 155 4.70 -4.11 6.24
CA LEU A 155 3.50 -4.87 6.60
C LEU A 155 2.85 -5.47 5.35
N PHE A 156 2.75 -4.68 4.28
CA PHE A 156 2.10 -5.19 3.07
C PHE A 156 2.85 -6.39 2.50
N THR A 157 4.17 -6.36 2.53
CA THR A 157 4.96 -7.50 2.03
C THR A 157 4.80 -8.72 2.92
N GLU A 158 4.72 -8.54 4.24
CA GLU A 158 4.46 -9.67 5.11
C GLU A 158 3.08 -10.24 4.82
N LEU A 159 2.10 -9.38 4.62
CA LEU A 159 0.76 -9.82 4.25
C LEU A 159 0.77 -10.55 2.91
N ALA A 160 1.67 -10.19 1.99
CA ALA A 160 1.71 -10.90 0.71
C ALA A 160 2.15 -12.36 0.86
N GLU A 161 2.77 -12.74 1.98
CA GLU A 161 3.14 -14.14 2.19
C GLU A 161 1.92 -15.05 2.30
N ASP A 162 0.78 -14.51 2.70
CA ASP A 162 -0.46 -15.27 2.87
C ASP A 162 -1.38 -14.93 1.70
N LYS A 163 -1.49 -15.87 0.75
CA LYS A 163 -2.18 -15.58 -0.50
C LYS A 163 -3.65 -15.26 -0.29
N GLU A 164 -4.30 -15.89 0.69
CA GLU A 164 -5.74 -15.71 0.88
C GLU A 164 -6.07 -14.35 1.51
N ASN A 165 -5.32 -13.94 2.53
CA ASN A 165 -5.61 -12.64 3.12
C ASN A 165 -5.06 -11.50 2.29
N TYR A 166 -3.99 -11.73 1.51
CA TYR A 166 -3.53 -10.69 0.62
C TYR A 166 -4.57 -10.35 -0.43
N LYS A 167 -5.35 -11.35 -0.87
CA LYS A 167 -6.44 -11.06 -1.80
C LYS A 167 -7.44 -10.08 -1.18
N LYS A 168 -7.72 -10.22 0.12
CA LYS A 168 -8.64 -9.31 0.79
C LYS A 168 -8.11 -7.90 0.79
N PHE A 169 -6.84 -7.74 1.17
CA PHE A 169 -6.18 -6.44 1.16
C PHE A 169 -6.19 -5.83 -0.24
N TYR A 170 -5.82 -6.62 -1.25
CA TYR A 170 -5.65 -6.08 -2.59
C TYR A 170 -6.98 -5.65 -3.20
N GLU A 171 -8.03 -6.43 -2.98
CA GLU A 171 -9.35 -6.01 -3.45
C GLU A 171 -9.68 -4.61 -2.94
N GLN A 172 -9.30 -4.30 -1.69
CA GLN A 172 -9.68 -3.01 -1.10
C GLN A 172 -8.72 -1.87 -1.43
N PHE A 173 -7.43 -2.18 -1.60
CA PHE A 173 -6.42 -1.14 -1.62
C PHE A 173 -5.48 -1.21 -2.83
N SER A 174 -5.83 -1.96 -3.87
CA SER A 174 -5.00 -1.96 -5.08
C SER A 174 -4.85 -0.55 -5.65
N LYS A 175 -5.93 0.24 -5.66
CA LYS A 175 -5.85 1.61 -6.16
C LYS A 175 -4.83 2.44 -5.38
N ASN A 176 -4.71 2.19 -4.07
CA ASN A 176 -3.74 2.93 -3.26
C ASN A 176 -2.32 2.57 -3.64
N ILE A 177 -2.08 1.29 -3.95
CA ILE A 177 -0.74 0.85 -4.35
C ILE A 177 -0.36 1.48 -5.67
N LYS A 178 -1.32 1.52 -6.60
CA LYS A 178 -1.07 2.16 -7.89
C LYS A 178 -0.92 3.67 -7.76
N LEU A 179 -1.72 4.30 -6.89
CA LEU A 179 -1.51 5.72 -6.63
C LEU A 179 -0.11 5.95 -6.08
N GLY A 180 0.35 5.08 -5.19
CA GLY A 180 1.71 5.19 -4.69
C GLY A 180 2.74 5.04 -5.79
N ILE A 181 2.52 4.11 -6.72
CA ILE A 181 3.50 3.95 -7.79
C ILE A 181 3.60 5.24 -8.59
N HIS A 182 2.46 5.87 -8.86
CA HIS A 182 2.45 7.15 -9.55
C HIS A 182 3.14 8.26 -8.76
N GLU A 183 2.94 8.32 -7.45
CA GLU A 183 3.28 9.53 -6.71
C GLU A 183 4.52 9.41 -5.83
N ASP A 184 5.08 8.21 -5.65
CA ASP A 184 6.16 7.98 -4.68
C ASP A 184 7.29 7.21 -5.37
N SER A 185 8.14 7.93 -6.10
CA SER A 185 9.19 7.23 -6.86
C SER A 185 10.20 6.56 -5.95
N GLN A 186 10.40 7.09 -4.74
CA GLN A 186 11.39 6.51 -3.83
C GLN A 186 11.05 5.07 -3.44
N ASN A 187 9.76 4.71 -3.40
CA ASN A 187 9.35 3.37 -3.01
C ASN A 187 8.73 2.60 -4.18
N ARG A 188 8.91 3.11 -5.40
CA ARG A 188 8.23 2.56 -6.57
C ARG A 188 8.61 1.11 -6.80
N LYS A 189 9.84 0.73 -6.48
CA LYS A 189 10.26 -0.65 -6.62
C LYS A 189 9.50 -1.57 -5.68
N LYS A 190 9.49 -1.24 -4.39
CA LYS A 190 8.79 -2.09 -3.42
C LYS A 190 7.31 -2.17 -3.75
N LEU A 191 6.72 -1.04 -4.12
CA LEU A 191 5.30 -1.00 -4.44
C LEU A 191 4.99 -1.89 -5.62
N SER A 192 5.83 -1.83 -6.67
CA SER A 192 5.61 -2.64 -7.87
C SER A 192 5.58 -4.14 -7.54
N GLU A 193 6.31 -4.58 -6.51
CA GLU A 193 6.24 -5.98 -6.10
C GLU A 193 4.89 -6.34 -5.49
N LEU A 194 4.08 -5.36 -5.08
CA LEU A 194 2.78 -5.61 -4.48
C LEU A 194 1.65 -5.67 -5.51
N LEU A 195 1.91 -5.30 -6.76
CA LEU A 195 0.87 -5.35 -7.78
C LEU A 195 0.48 -6.78 -8.14
N ARG A 196 -0.79 -6.94 -8.55
CA ARG A 196 -1.34 -8.21 -9.00
C ARG A 196 -2.23 -7.95 -10.20
N TYR A 197 -2.19 -8.85 -11.19
CA TYR A 197 -2.97 -8.68 -12.41
C TYR A 197 -3.40 -10.04 -12.96
N TYR A 198 -4.60 -10.09 -13.54
CA TYR A 198 -4.91 -11.16 -14.47
C TYR A 198 -3.97 -11.10 -15.65
N THR A 199 -3.69 -12.26 -16.23
CA THR A 199 -2.91 -12.37 -17.47
C THR A 199 -3.53 -13.43 -18.35
N SER A 200 -3.17 -13.40 -19.64
CA SER A 200 -3.66 -14.40 -20.59
C SER A 200 -3.25 -15.82 -20.24
N ALA A 201 -2.38 -16.01 -19.25
CA ALA A 201 -1.96 -17.33 -18.80
C ALA A 201 -2.41 -17.68 -17.39
N SER A 202 -3.16 -16.80 -16.71
CA SER A 202 -3.43 -16.98 -15.29
C SER A 202 -4.84 -17.47 -14.99
N GLY A 203 -5.75 -17.45 -15.95
CA GLY A 203 -7.12 -17.85 -15.67
C GLY A 203 -7.78 -16.93 -14.66
N ASP A 204 -8.32 -17.52 -13.60
CA ASP A 204 -9.12 -16.79 -12.62
C ASP A 204 -8.28 -16.19 -11.50
N GLU A 205 -6.95 -16.29 -11.58
CA GLU A 205 -6.05 -15.85 -10.52
C GLU A 205 -5.31 -14.58 -10.91
N MET A 206 -5.13 -13.67 -9.97
CA MET A 206 -4.28 -12.52 -10.20
C MET A 206 -2.88 -12.83 -9.68
N VAL A 207 -1.88 -12.44 -10.48
CA VAL A 207 -0.52 -12.86 -10.23
C VAL A 207 0.37 -11.62 -10.16
N SER A 208 1.57 -11.82 -9.65
CA SER A 208 2.53 -10.74 -9.50
C SER A 208 3.40 -10.62 -10.75
N LEU A 209 4.15 -9.51 -10.83
CA LEU A 209 5.12 -9.37 -11.90
C LEU A 209 6.25 -10.38 -11.77
N LYS A 210 6.61 -10.74 -10.53
CA LYS A 210 7.66 -11.75 -10.34
C LYS A 210 7.21 -13.09 -10.87
N ASP A 211 5.95 -13.45 -10.60
CA ASP A 211 5.39 -14.67 -11.17
C ASP A 211 5.44 -14.63 -12.70
N TYR A 212 4.99 -13.52 -13.30
CA TYR A 212 5.08 -13.39 -14.76
C TYR A 212 6.49 -13.68 -15.24
N CYS A 213 7.49 -13.14 -14.54
CA CYS A 213 8.88 -13.28 -14.96
C CYS A 213 9.35 -14.73 -14.94
N THR A 214 8.81 -15.55 -14.03
CA THR A 214 9.23 -16.95 -13.98
C THR A 214 8.84 -17.71 -15.25
N ARG A 215 7.75 -17.31 -15.89
CA ARG A 215 7.24 -18.01 -17.07
C ARG A 215 7.73 -17.43 -18.39
N MET A 216 8.62 -16.44 -18.38
CA MET A 216 9.03 -15.83 -19.63
C MET A 216 9.89 -16.79 -20.43
N LYS A 217 9.72 -16.75 -21.76
CA LYS A 217 10.52 -17.61 -22.62
C LYS A 217 11.99 -17.22 -22.52
N GLU A 218 12.86 -18.14 -22.96
CA GLU A 218 14.30 -17.88 -22.90
C GLU A 218 14.65 -16.59 -23.61
N ASN A 219 14.06 -16.35 -24.77
CA ASN A 219 14.41 -15.24 -25.64
C ASN A 219 13.65 -13.94 -25.33
N GLN A 220 12.74 -13.94 -24.36
CA GLN A 220 11.82 -12.81 -24.19
C GLN A 220 12.48 -11.74 -23.32
N LYS A 221 12.52 -10.50 -23.83
CA LYS A 221 13.22 -9.42 -23.14
C LYS A 221 12.29 -8.29 -22.67
N HIS A 222 10.97 -8.47 -22.77
CA HIS A 222 10.04 -7.43 -22.40
C HIS A 222 8.82 -8.05 -21.75
N ILE A 223 8.17 -7.25 -20.90
CA ILE A 223 6.94 -7.65 -20.23
C ILE A 223 5.78 -7.03 -21.02
N TYR A 224 4.89 -7.88 -21.52
CA TYR A 224 3.81 -7.45 -22.39
C TYR A 224 2.49 -7.27 -21.63
N TYR A 225 1.81 -6.17 -21.93
CA TYR A 225 0.54 -5.85 -21.29
C TYR A 225 -0.42 -5.27 -22.31
N ILE A 226 -1.70 -5.32 -21.99
CA ILE A 226 -2.72 -4.63 -22.77
C ILE A 226 -3.65 -3.94 -21.79
N THR A 227 -3.91 -2.67 -22.04
CA THR A 227 -4.87 -1.92 -21.25
C THR A 227 -6.23 -1.93 -21.93
N GLY A 228 -7.27 -1.98 -21.13
CA GLY A 228 -8.62 -2.03 -21.64
C GLY A 228 -9.63 -1.83 -20.53
N GLU A 229 -10.87 -2.20 -20.81
CA GLU A 229 -11.99 -1.87 -19.93
C GLU A 229 -12.57 -3.07 -19.20
N THR A 230 -12.67 -4.22 -19.85
CA THR A 230 -13.12 -5.44 -19.19
C THR A 230 -12.08 -6.53 -19.40
N LYS A 231 -12.06 -7.49 -18.47
CA LYS A 231 -11.25 -8.68 -18.67
C LYS A 231 -11.61 -9.37 -19.97
N ASP A 232 -12.92 -9.46 -20.26
CA ASP A 232 -13.38 -10.22 -21.43
C ASP A 232 -13.00 -9.55 -22.74
N GLN A 233 -13.31 -8.25 -22.88
CA GLN A 233 -13.00 -7.57 -24.13
C GLN A 233 -11.50 -7.57 -24.40
N VAL A 234 -10.70 -7.44 -23.35
CA VAL A 234 -9.26 -7.47 -23.52
C VAL A 234 -8.75 -8.88 -23.76
N ALA A 235 -9.36 -9.89 -23.14
CA ALA A 235 -8.94 -11.27 -23.39
C ALA A 235 -9.29 -11.71 -24.80
N ASN A 236 -10.33 -11.13 -25.40
CA ASN A 236 -10.68 -11.45 -26.78
C ASN A 236 -9.90 -10.64 -27.79
N SER A 237 -9.26 -9.55 -27.37
CA SER A 237 -8.62 -8.61 -28.30
C SER A 237 -7.56 -9.33 -29.14
N ALA A 238 -7.42 -8.86 -30.38
CA ALA A 238 -6.58 -9.56 -31.36
C ALA A 238 -5.09 -9.30 -31.13
N PHE A 239 -4.72 -8.12 -30.63
CA PHE A 239 -3.34 -7.88 -30.22
C PHE A 239 -2.89 -8.93 -29.21
N VAL A 240 -3.79 -9.34 -28.32
CA VAL A 240 -3.48 -10.42 -27.39
C VAL A 240 -3.35 -11.74 -28.13
N GLU A 241 -4.33 -12.04 -29.00
CA GLU A 241 -4.30 -13.30 -29.73
C GLU A 241 -2.98 -13.48 -30.47
N ARG A 242 -2.46 -12.40 -31.07
CA ARG A 242 -1.20 -12.47 -31.78
C ARG A 242 -0.07 -13.01 -30.89
N LEU A 243 0.07 -12.46 -29.69
CA LEU A 243 1.12 -12.94 -28.79
C LEU A 243 0.77 -14.29 -28.17
N ARG A 244 -0.52 -14.58 -28.02
CA ARG A 244 -0.93 -15.92 -27.61
C ARG A 244 -0.44 -16.98 -28.59
N LYS A 245 -0.25 -16.62 -29.87
CA LYS A 245 0.18 -17.58 -30.88
C LYS A 245 1.66 -17.92 -30.72
N HIS A 246 2.49 -16.94 -30.38
CA HIS A 246 3.80 -17.27 -29.84
C HIS A 246 3.63 -17.78 -28.41
N GLY A 247 4.73 -18.22 -27.81
CA GLY A 247 4.62 -18.63 -26.42
C GLY A 247 4.70 -17.49 -25.42
N LEU A 248 3.88 -16.45 -25.59
CA LEU A 248 4.07 -15.20 -24.88
C LEU A 248 2.83 -14.81 -24.07
N GLU A 249 3.07 -14.33 -22.85
CA GLU A 249 2.03 -13.97 -21.89
C GLU A 249 1.81 -12.46 -21.92
N VAL A 250 0.53 -12.06 -21.87
CA VAL A 250 0.14 -10.65 -21.84
C VAL A 250 -0.59 -10.35 -20.54
N ILE A 251 -0.23 -9.22 -19.89
CA ILE A 251 -0.84 -8.77 -18.63
C ILE A 251 -2.07 -7.95 -18.95
N TYR A 252 -3.13 -8.17 -18.15
CA TYR A 252 -4.42 -7.51 -18.35
C TYR A 252 -4.54 -6.33 -17.40
N MET A 253 -4.51 -5.12 -17.95
CA MET A 253 -4.66 -3.90 -17.17
C MET A 253 -6.02 -3.29 -17.50
N ILE A 254 -6.97 -3.43 -16.59
CA ILE A 254 -8.37 -3.18 -16.90
C ILE A 254 -8.97 -2.07 -16.05
N GLU A 255 -8.14 -1.15 -15.54
CA GLU A 255 -8.61 0.00 -14.78
C GLU A 255 -7.89 1.26 -15.20
N PRO A 256 -8.56 2.43 -15.14
CA PRO A 256 -8.00 3.65 -15.75
C PRO A 256 -6.73 4.15 -15.07
N ILE A 257 -6.53 3.86 -13.78
CA ILE A 257 -5.29 4.24 -13.14
C ILE A 257 -4.11 3.51 -13.78
N ASP A 258 -4.36 2.33 -14.36
CA ASP A 258 -3.27 1.53 -14.92
C ASP A 258 -2.53 2.26 -16.02
N GLU A 259 -3.20 3.18 -16.73
CA GLU A 259 -2.51 4.00 -17.72
C GLU A 259 -1.43 4.84 -17.05
N TYR A 260 -1.83 5.73 -16.12
CA TYR A 260 -0.86 6.47 -15.33
C TYR A 260 0.17 5.54 -14.74
N CYS A 261 -0.26 4.34 -14.34
CA CYS A 261 0.58 3.45 -13.55
C CYS A 261 1.77 2.95 -14.35
N VAL A 262 1.55 2.51 -15.59
CA VAL A 262 2.64 1.97 -16.39
C VAL A 262 3.56 3.07 -16.91
N GLN A 263 3.08 4.32 -16.99
CA GLN A 263 3.95 5.42 -17.38
C GLN A 263 5.14 5.53 -16.44
N GLN A 264 4.90 5.58 -15.13
CA GLN A 264 6.00 5.67 -14.18
C GLN A 264 6.64 4.30 -13.90
N LEU A 265 5.92 3.21 -14.12
CA LEU A 265 6.51 1.88 -13.98
C LEU A 265 7.10 1.46 -15.31
N LYS A 266 8.15 2.18 -15.70
CA LYS A 266 8.76 1.98 -17.01
C LYS A 266 9.20 0.54 -17.20
N GLU A 267 9.69 -0.10 -16.14
CA GLU A 267 10.22 -1.45 -16.26
C GLU A 267 10.18 -2.13 -14.89
N PHE A 268 10.60 -3.39 -14.89
CA PHE A 268 10.54 -4.21 -13.69
C PHE A 268 11.54 -5.33 -13.83
N GLU A 269 12.37 -5.52 -12.81
CA GLU A 269 13.39 -6.58 -12.85
C GLU A 269 14.32 -6.42 -14.04
N GLY A 270 14.45 -5.18 -14.54
CA GLY A 270 15.22 -4.88 -15.71
C GLY A 270 14.51 -5.12 -17.03
N LYS A 271 13.25 -5.55 -16.99
CA LYS A 271 12.52 -5.92 -18.19
C LYS A 271 11.60 -4.77 -18.55
N THR A 272 11.75 -4.26 -19.76
CA THR A 272 10.90 -3.17 -20.21
C THR A 272 9.45 -3.62 -20.34
N LEU A 273 8.53 -2.75 -19.93
CA LEU A 273 7.10 -2.95 -20.18
C LEU A 273 6.77 -2.51 -21.59
N VAL A 274 6.05 -3.33 -22.34
CA VAL A 274 5.69 -3.04 -23.73
C VAL A 274 4.19 -3.27 -23.92
N SER A 275 3.50 -2.26 -24.46
CA SER A 275 2.11 -2.41 -24.86
C SER A 275 2.02 -3.28 -26.11
N VAL A 276 1.07 -4.21 -26.12
CA VAL A 276 0.91 -5.12 -27.27
C VAL A 276 0.30 -4.36 -28.45
N THR A 277 -0.05 -3.10 -28.24
CA THR A 277 -0.69 -2.29 -29.26
C THR A 277 0.27 -1.38 -30.01
N LYS A 278 1.58 -1.48 -29.73
CA LYS A 278 2.58 -0.72 -30.48
C LYS A 278 2.93 -1.40 -31.81
#